data_2QRL
#
_entry.id   2QRL
#
_cell.length_a   64.762
_cell.length_b   74.301
_cell.length_c   74.619
_cell.angle_alpha   90.000
_cell.angle_beta   90.000
_cell.angle_gamma   90.000
#
_symmetry.space_group_name_H-M   'P 21 21 21'
#
loop_
_entity.id
_entity.type
_entity.pdbx_description
1 polymer 'Saccharopine dehydrogenase, NAD+, L-lysine-forming'
2 non-polymer N-OXALYLGLYCINE
3 water water
#
_entity_poly.entity_id   1
_entity_poly.type   'polypeptide(L)'
_entity_poly.pdbx_seq_one_letter_code
;MGHHHHHHHHHHSSGHIEGRHMAAVTLHLRAETKPLEARAALTPTTVKKLIAKGFKIYVEDSPQSTFNINEYRQAGAIIV
PAGSWKTAPRDRIIIGLKEMPETDTFPLVHEHIQFAHCYKDQAGWQNVLMRFIKGHGTLYDLEFLENDQGRRVAAFGFYA
GFAGAALGVRDWAFKQTHSDDEDLPAVSPYPNEKALVKDVTKDYKEALATGARKPTVLIIGALGRCGSGAIDLLHKVGIP
DANILKWDIKETSRGGPFDEIPQADIFINCIYLSKPIAPFTNMEKLNNPNRRLRTVVDVSADTTNPHNPIPIYTVATVFN
KPTVLVPTTAGPKLSVISIDHLPSLLPREASEFFSHDLLPSLELLPQRKTAPVWVRAKKLFDRHCARVKRSSRL
;
_entity_poly.pdbx_strand_id   A
#
# COMPACT_ATOMS: atom_id res chain seq x y z
N ALA A 24 30.91 1.66 -9.30
CA ALA A 24 29.82 2.67 -9.00
C ALA A 24 28.63 2.48 -9.93
N VAL A 25 27.45 2.70 -9.35
CA VAL A 25 26.21 2.28 -9.97
C VAL A 25 25.47 3.52 -10.47
N THR A 26 24.80 3.35 -11.62
CA THR A 26 23.88 4.37 -12.13
C THR A 26 22.47 3.81 -12.04
N LEU A 27 21.59 4.55 -11.34
CA LEU A 27 20.16 4.22 -11.22
C LEU A 27 19.39 5.18 -12.13
N HIS A 28 18.31 4.70 -12.72
CA HIS A 28 17.51 5.51 -13.63
C HIS A 28 16.05 5.33 -13.16
N LEU A 29 15.48 6.39 -12.61
CA LEU A 29 14.12 6.29 -12.08
C LEU A 29 13.08 6.44 -13.19
N ARG A 30 12.45 5.33 -13.53
CA ARG A 30 11.41 5.20 -14.55
C ARG A 30 10.12 5.95 -14.13
N ALA A 31 9.61 6.80 -15.01
CA ALA A 31 8.29 7.40 -14.79
C ALA A 31 7.21 6.29 -14.76
N GLU A 32 6.34 6.35 -13.77
CA GLU A 32 5.27 5.34 -13.66
C GLU A 32 4.28 5.51 -14.80
N THR A 33 3.78 4.38 -15.31
CA THR A 33 2.76 4.35 -16.35
C THR A 33 1.46 3.69 -15.88
N LYS A 34 1.49 3.01 -14.74
CA LYS A 34 0.24 2.51 -14.10
C LYS A 34 -0.71 3.69 -13.90
N PRO A 35 -1.95 3.61 -14.42
CA PRO A 35 -2.86 4.74 -14.24
C PRO A 35 -2.97 5.23 -12.78
N LEU A 36 -2.81 6.54 -12.60
CA LEU A 36 -2.91 7.21 -11.30
C LEU A 36 -1.86 6.81 -10.26
N GLU A 37 -0.84 6.07 -10.68
CA GLU A 37 0.27 5.77 -9.76
C GLU A 37 1.15 7.02 -9.57
N ALA A 38 1.07 7.62 -8.37
CA ALA A 38 1.72 8.91 -8.01
C ALA A 38 2.93 8.77 -7.07
N ARG A 39 3.18 7.54 -6.63
CA ARG A 39 4.30 7.27 -5.74
C ARG A 39 5.55 7.07 -6.59
N ALA A 40 6.70 7.09 -5.92
CA ALA A 40 7.98 6.85 -6.62
C ALA A 40 8.89 6.00 -5.73
N ALA A 41 9.70 5.18 -6.39
CA ALA A 41 10.63 4.27 -5.71
C ALA A 41 11.81 4.99 -5.04
N LEU A 42 12.21 6.12 -5.65
CA LEU A 42 13.23 7.03 -5.12
C LEU A 42 12.59 8.40 -5.00
N THR A 43 12.83 9.06 -3.87
CA THR A 43 12.35 10.42 -3.60
C THR A 43 13.52 11.39 -3.78
N PRO A 44 13.22 12.69 -3.91
CA PRO A 44 14.35 13.64 -4.00
C PRO A 44 15.35 13.49 -2.83
N THR A 45 14.86 13.20 -1.63
CA THR A 45 15.71 12.99 -0.47
C THR A 45 16.61 11.75 -0.61
N THR A 46 16.04 10.63 -1.06
CA THR A 46 16.87 9.42 -1.23
C THR A 46 17.85 9.55 -2.39
N VAL A 47 17.44 10.29 -3.42
CA VAL A 47 18.34 10.58 -4.56
C VAL A 47 19.55 11.36 -4.06
N LYS A 48 19.30 12.40 -3.27
CA LYS A 48 20.37 13.23 -2.69
C LYS A 48 21.32 12.37 -1.88
N LYS A 49 20.76 11.48 -1.05
CA LYS A 49 21.59 10.59 -0.24
C LYS A 49 22.40 9.60 -1.08
N LEU A 50 21.80 9.04 -2.14
CA LEU A 50 22.56 8.10 -2.99
C LEU A 50 23.68 8.80 -3.75
N ILE A 51 23.41 10.00 -4.26
CA ILE A 51 24.46 10.77 -4.93
C ILE A 51 25.62 11.05 -3.94
N ALA A 52 25.28 11.35 -2.69
CA ALA A 52 26.30 11.57 -1.63
C ALA A 52 27.18 10.34 -1.41
N LYS A 53 26.64 9.16 -1.71
CA LYS A 53 27.34 7.88 -1.60
C LYS A 53 28.01 7.47 -2.92
N GLY A 54 27.97 8.34 -3.92
CA GLY A 54 28.68 8.11 -5.19
C GLY A 54 27.90 7.48 -6.33
N PHE A 55 26.59 7.30 -6.13
CA PHE A 55 25.70 6.86 -7.19
C PHE A 55 25.50 7.99 -8.21
N LYS A 56 25.26 7.59 -9.45
CA LYS A 56 24.79 8.52 -10.47
C LYS A 56 23.31 8.22 -10.70
N ILE A 57 22.49 9.25 -10.71
CA ILE A 57 21.05 9.03 -10.74
C ILE A 57 20.42 9.85 -11.86
N TYR A 58 19.71 9.16 -12.75
CA TYR A 58 18.80 9.79 -13.72
C TYR A 58 17.39 9.69 -13.17
N VAL A 59 16.60 10.74 -13.39
CA VAL A 59 15.19 10.73 -13.04
C VAL A 59 14.37 11.23 -14.21
N GLU A 60 13.37 10.43 -14.58
CA GLU A 60 12.43 10.80 -15.64
C GLU A 60 11.41 11.81 -15.14
N ASP A 61 11.20 12.83 -15.95
CA ASP A 61 10.11 13.77 -15.77
C ASP A 61 8.77 13.02 -15.76
N SER A 62 7.96 13.16 -14.70
CA SER A 62 6.71 12.40 -14.58
C SER A 62 5.52 13.26 -14.08
N PRO A 63 4.59 13.65 -14.98
CA PRO A 63 3.46 14.54 -14.60
C PRO A 63 2.60 13.94 -13.47
N GLN A 64 2.36 12.64 -13.53
CA GLN A 64 1.56 11.95 -12.49
C GLN A 64 2.26 11.74 -11.14
N SER A 65 3.60 11.79 -11.08
CA SER A 65 4.28 11.74 -9.76
C SER A 65 3.84 12.88 -8.84
N THR A 66 3.71 12.56 -7.56
CA THR A 66 3.39 13.57 -6.55
C THR A 66 4.57 14.53 -6.30
N PHE A 67 5.79 14.13 -6.70
CA PHE A 67 6.99 14.96 -6.58
C PHE A 67 7.16 15.84 -7.82
N ASN A 68 7.49 17.10 -7.59
CA ASN A 68 7.80 18.04 -8.67
C ASN A 68 9.20 17.69 -9.17
N ILE A 69 9.34 17.65 -10.51
CA ILE A 69 10.65 17.32 -11.12
C ILE A 69 11.79 18.20 -10.60
N ASN A 70 11.48 19.45 -10.27
CA ASN A 70 12.53 20.35 -9.78
C ASN A 70 13.12 19.96 -8.42
N GLU A 71 12.35 19.28 -7.57
CA GLU A 71 12.89 18.69 -6.35
C GLU A 71 14.06 17.71 -6.68
N TYR A 72 13.85 16.90 -7.71
CA TYR A 72 14.89 15.95 -8.09
C TYR A 72 16.10 16.68 -8.67
N ARG A 73 15.84 17.75 -9.44
CA ARG A 73 16.90 18.56 -10.03
C ARG A 73 17.77 19.17 -8.91
N GLN A 74 17.12 19.81 -7.92
CA GLN A 74 17.83 20.37 -6.76
C GLN A 74 18.61 19.29 -5.97
N ALA A 75 18.10 18.05 -5.97
CA ALA A 75 18.79 16.91 -5.33
C ALA A 75 20.02 16.43 -6.12
N GLY A 76 20.18 16.92 -7.35
CA GLY A 76 21.34 16.54 -8.19
C GLY A 76 21.10 15.48 -9.25
N ALA A 77 19.85 15.06 -9.43
CA ALA A 77 19.50 14.10 -10.47
C ALA A 77 19.70 14.70 -11.86
N ILE A 78 20.06 13.84 -12.80
CA ILE A 78 20.04 14.18 -14.22
C ILE A 78 18.60 13.97 -14.74
N ILE A 79 17.98 15.03 -15.21
CA ILE A 79 16.57 14.99 -15.60
C ILE A 79 16.46 14.55 -17.07
N VAL A 80 15.63 13.55 -17.34
CA VAL A 80 15.48 12.99 -18.69
C VAL A 80 13.99 12.76 -19.02
N PRO A 81 13.63 12.63 -20.32
CA PRO A 81 12.24 12.40 -20.69
C PRO A 81 11.65 11.10 -20.16
N ALA A 82 10.34 11.13 -19.92
CA ALA A 82 9.61 9.92 -19.57
C ALA A 82 9.81 8.88 -20.67
N GLY A 83 10.12 7.65 -20.26
CA GLY A 83 10.29 6.54 -21.19
C GLY A 83 11.70 6.42 -21.76
N SER A 84 12.55 7.37 -21.40
CA SER A 84 13.94 7.31 -21.89
C SER A 84 14.72 6.06 -21.41
N TRP A 85 14.25 5.38 -20.35
CA TRP A 85 14.91 4.17 -19.90
C TRP A 85 14.99 3.14 -21.04
N LYS A 86 14.01 3.19 -21.96
CA LYS A 86 13.94 2.21 -23.06
C LYS A 86 15.16 2.17 -23.99
N THR A 87 15.88 3.29 -24.04
CA THR A 87 17.06 3.39 -24.88
C THR A 87 18.34 3.64 -24.04
N ALA A 88 18.22 3.56 -22.70
CA ALA A 88 19.36 3.81 -21.83
C ALA A 88 20.45 2.72 -21.98
N PRO A 89 21.75 3.11 -21.82
CA PRO A 89 22.84 2.12 -21.79
C PRO A 89 22.49 0.94 -20.88
N ARG A 90 22.92 -0.24 -21.32
CA ARG A 90 22.53 -1.53 -20.71
C ARG A 90 23.02 -1.69 -19.26
N ASP A 91 23.99 -0.87 -18.87
CA ASP A 91 24.57 -0.92 -17.53
C ASP A 91 23.76 -0.17 -16.44
N ARG A 92 22.80 0.67 -16.87
CA ARG A 92 21.98 1.39 -15.90
C ARG A 92 20.99 0.44 -15.29
N ILE A 93 20.78 0.57 -13.99
CA ILE A 93 19.74 -0.21 -13.28
C ILE A 93 18.47 0.64 -13.31
N ILE A 94 17.43 0.10 -13.94
CA ILE A 94 16.17 0.82 -14.11
C ILE A 94 15.29 0.55 -12.90
N ILE A 95 14.99 1.60 -12.16
CA ILE A 95 14.18 1.42 -10.96
C ILE A 95 12.82 2.12 -11.12
N GLY A 96 11.76 1.42 -10.73
CA GLY A 96 10.40 1.98 -10.79
C GLY A 96 9.61 1.26 -9.71
N LEU A 97 8.39 1.71 -9.48
CA LEU A 97 7.60 1.08 -8.43
C LEU A 97 6.68 0.02 -9.01
N LYS A 98 5.90 0.37 -10.03
CA LYS A 98 4.86 -0.55 -10.47
C LYS A 98 5.09 -1.16 -11.84
N GLU A 99 4.11 -1.94 -12.30
CA GLU A 99 4.24 -2.71 -13.53
C GLU A 99 4.40 -1.85 -14.79
N MET A 100 5.03 -2.42 -15.80
CA MET A 100 4.91 -1.81 -17.04
C MET A 100 3.70 -2.21 -17.81
N PRO A 101 3.33 -1.45 -18.86
CA PRO A 101 2.14 -1.75 -19.64
C PRO A 101 2.23 -3.17 -20.16
N GLU A 102 1.17 -3.96 -19.97
CA GLU A 102 1.09 -5.29 -20.56
C GLU A 102 1.12 -5.25 -22.11
N THR A 103 0.85 -4.06 -22.68
CA THR A 103 0.89 -3.91 -24.12
C THR A 103 2.31 -3.70 -24.68
N ASP A 104 3.27 -3.34 -23.81
CA ASP A 104 4.70 -3.37 -24.17
C ASP A 104 5.15 -4.83 -24.27
N THR A 105 5.82 -5.16 -25.37
CA THR A 105 6.25 -6.56 -25.63
C THR A 105 7.74 -6.71 -25.89
N PHE A 106 8.42 -5.57 -26.06
CA PHE A 106 9.83 -5.58 -26.45
C PHE A 106 10.72 -6.20 -25.33
N PRO A 107 11.83 -6.82 -25.72
CA PRO A 107 12.68 -7.45 -24.69
C PRO A 107 13.21 -6.43 -23.67
N LEU A 108 13.29 -6.85 -22.41
CA LEU A 108 13.86 -6.06 -21.35
C LEU A 108 15.32 -6.45 -21.14
N VAL A 109 16.22 -5.54 -21.53
CA VAL A 109 17.66 -5.85 -21.49
C VAL A 109 18.38 -5.44 -20.20
N HIS A 110 17.74 -4.56 -19.41
CA HIS A 110 18.35 -4.06 -18.17
C HIS A 110 18.07 -4.94 -16.95
N GLU A 111 18.85 -4.67 -15.91
CA GLU A 111 18.46 -5.04 -14.56
C GLU A 111 17.41 -4.04 -14.12
N HIS A 112 16.24 -4.56 -13.72
CA HIS A 112 15.13 -3.76 -13.22
C HIS A 112 14.85 -4.02 -11.75
N ILE A 113 14.58 -2.94 -11.01
CA ILE A 113 14.05 -3.05 -9.64
C ILE A 113 12.62 -2.53 -9.72
N GLN A 114 11.64 -3.34 -9.31
CA GLN A 114 10.23 -2.90 -9.38
C GLN A 114 9.35 -3.94 -8.66
N PHE A 115 8.09 -3.57 -8.37
CA PHE A 115 7.03 -4.58 -8.20
C PHE A 115 6.56 -5.03 -9.59
N ALA A 116 6.74 -6.31 -9.90
CA ALA A 116 6.33 -6.87 -11.19
C ALA A 116 5.08 -7.78 -11.10
N HIS A 117 4.73 -8.20 -9.90
CA HIS A 117 3.48 -8.96 -9.67
C HIS A 117 3.33 -10.16 -10.61
N CYS A 118 4.35 -11.01 -10.59
CA CYS A 118 4.41 -12.14 -11.52
C CYS A 118 4.95 -13.43 -10.89
N TYR A 119 5.04 -13.44 -9.55
CA TYR A 119 5.51 -14.62 -8.82
C TYR A 119 4.38 -15.38 -8.11
N LYS A 120 3.15 -14.89 -8.25
CA LYS A 120 2.01 -15.52 -7.57
C LYS A 120 0.96 -15.98 -8.56
N ASP A 121 1.45 -16.44 -9.71
CA ASP A 121 0.63 -16.94 -10.82
C ASP A 121 -0.45 -15.95 -11.30
N GLN A 122 -0.19 -14.65 -11.15
CA GLN A 122 -1.05 -13.59 -11.70
C GLN A 122 -1.27 -13.81 -13.20
N ALA A 123 -2.46 -13.46 -13.70
CA ALA A 123 -2.77 -13.61 -15.12
C ALA A 123 -1.64 -12.94 -15.92
N GLY A 124 -1.03 -13.68 -16.84
CA GLY A 124 0.00 -13.11 -17.71
C GLY A 124 1.41 -13.10 -17.13
N TRP A 125 1.61 -13.78 -16.00
CA TRP A 125 2.94 -13.75 -15.33
C TRP A 125 4.06 -14.32 -16.21
N GLN A 126 3.76 -15.36 -17.00
CA GLN A 126 4.77 -15.94 -17.87
C GLN A 126 5.23 -14.93 -18.91
N ASN A 127 4.28 -14.21 -19.51
CA ASN A 127 4.59 -13.13 -20.48
C ASN A 127 5.48 -12.04 -19.89
N VAL A 128 5.21 -11.66 -18.65
CA VAL A 128 6.04 -10.66 -17.94
C VAL A 128 7.50 -11.15 -17.87
N LEU A 129 7.68 -12.38 -17.39
CA LEU A 129 9.02 -12.92 -17.28
C LEU A 129 9.68 -13.13 -18.66
N MET A 130 8.90 -13.53 -19.65
CA MET A 130 9.45 -13.73 -21.00
C MET A 130 10.12 -12.49 -21.59
N ARG A 131 9.61 -11.31 -21.23
CA ARG A 131 10.25 -10.07 -21.70
C ARG A 131 11.69 -9.96 -21.20
N PHE A 132 11.89 -10.28 -19.91
CA PHE A 132 13.24 -10.33 -19.33
C PHE A 132 14.09 -11.43 -19.97
N ILE A 133 13.51 -12.62 -20.12
CA ILE A 133 14.21 -13.76 -20.71
C ILE A 133 14.74 -13.43 -22.11
N LYS A 134 13.85 -12.94 -22.97
CA LYS A 134 14.25 -12.56 -24.33
C LYS A 134 15.38 -11.54 -24.33
N GLY A 135 15.35 -10.57 -23.41
CA GLY A 135 16.34 -9.48 -23.37
C GLY A 135 17.60 -9.78 -22.59
N HIS A 136 17.63 -10.95 -21.94
CA HIS A 136 18.69 -11.27 -20.97
C HIS A 136 18.76 -10.25 -19.82
N GLY A 137 17.60 -9.66 -19.49
CA GLY A 137 17.52 -8.71 -18.37
C GLY A 137 17.33 -9.46 -17.06
N THR A 138 17.21 -8.70 -15.98
CA THR A 138 17.06 -9.23 -14.63
C THR A 138 15.96 -8.47 -13.89
N LEU A 139 15.14 -9.20 -13.14
CA LEU A 139 14.14 -8.60 -12.29
C LEU A 139 14.52 -8.81 -10.85
N TYR A 140 14.69 -7.71 -10.12
CA TYR A 140 14.78 -7.77 -8.68
C TYR A 140 13.45 -7.26 -8.13
N ASP A 141 12.60 -8.18 -7.72
CA ASP A 141 11.24 -7.78 -7.33
C ASP A 141 11.16 -7.21 -5.91
N LEU A 142 10.62 -6.00 -5.82
CA LEU A 142 10.55 -5.25 -4.57
C LEU A 142 9.73 -5.99 -3.51
N GLU A 143 8.76 -6.78 -3.93
CA GLU A 143 7.86 -7.47 -2.99
C GLU A 143 8.58 -8.57 -2.22
N PHE A 144 9.75 -8.97 -2.74
CA PHE A 144 10.45 -10.16 -2.25
C PHE A 144 11.84 -9.89 -1.72
N LEU A 145 12.24 -8.61 -1.70
CA LEU A 145 13.50 -8.20 -1.11
C LEU A 145 13.41 -8.29 0.41
N GLU A 146 14.28 -9.10 1.00
CA GLU A 146 14.19 -9.37 2.43
C GLU A 146 15.57 -9.38 3.08
N ASN A 147 15.62 -9.13 4.39
CA ASN A 147 16.90 -9.20 5.10
C ASN A 147 17.27 -10.68 5.37
N ASP A 148 18.40 -10.89 6.02
CA ASP A 148 18.89 -12.27 6.25
C ASP A 148 18.01 -13.07 7.21
N GLN A 149 17.12 -12.38 7.93
CA GLN A 149 16.18 -13.00 8.86
C GLN A 149 14.88 -13.37 8.15
N GLY A 150 14.75 -12.91 6.91
CA GLY A 150 13.57 -13.16 6.10
C GLY A 150 12.46 -12.10 6.24
N ARG A 151 12.80 -10.94 6.82
CA ARG A 151 11.83 -9.85 6.97
C ARG A 151 11.94 -8.91 5.75
N ARG A 152 10.80 -8.49 5.20
CA ARG A 152 10.84 -7.54 4.06
C ARG A 152 11.57 -6.27 4.42
N VAL A 153 12.41 -5.79 3.50
CA VAL A 153 13.16 -4.58 3.76
C VAL A 153 12.30 -3.30 3.56
N ALA A 154 11.30 -3.37 2.70
CA ALA A 154 10.49 -2.18 2.41
C ALA A 154 9.08 -2.54 1.96
N ALA A 155 8.09 -1.97 2.68
CA ALA A 155 6.70 -2.15 2.31
C ALA A 155 5.97 -0.84 2.66
N PHE A 156 4.64 -0.85 2.58
CA PHE A 156 3.85 0.36 2.78
C PHE A 156 2.84 0.27 3.95
N GLY A 157 3.11 -0.56 4.94
CA GLY A 157 2.11 -0.82 5.98
C GLY A 157 1.71 0.39 6.80
N PHE A 158 2.69 1.20 7.23
CA PHE A 158 2.39 2.32 8.14
C PHE A 158 1.38 3.27 7.49
N TYR A 159 1.66 3.72 6.28
CA TYR A 159 0.70 4.63 5.65
C TYR A 159 -0.58 3.99 5.13
N ALA A 160 -0.57 2.67 4.88
CA ALA A 160 -1.82 1.96 4.65
C ALA A 160 -2.73 2.12 5.89
N GLY A 161 -2.16 1.93 7.07
CA GLY A 161 -2.94 2.04 8.33
C GLY A 161 -3.36 3.48 8.60
N PHE A 162 -2.43 4.42 8.37
CA PHE A 162 -2.68 5.85 8.61
C PHE A 162 -3.82 6.33 7.71
N ALA A 163 -3.71 6.04 6.40
CA ALA A 163 -4.79 6.39 5.42
C ALA A 163 -6.10 5.66 5.73
N GLY A 164 -6.02 4.38 6.12
CA GLY A 164 -7.21 3.61 6.48
C GLY A 164 -7.95 4.23 7.66
N ALA A 165 -7.22 4.53 8.73
CA ALA A 165 -7.79 5.21 9.91
C ALA A 165 -8.39 6.57 9.49
N ALA A 166 -7.68 7.31 8.64
CA ALA A 166 -8.17 8.62 8.18
C ALA A 166 -9.54 8.47 7.50
N LEU A 167 -9.65 7.56 6.54
CA LEU A 167 -10.92 7.33 5.84
C LEU A 167 -12.02 6.76 6.77
N GLY A 168 -11.60 5.92 7.73
CA GLY A 168 -12.52 5.38 8.73
C GLY A 168 -13.14 6.49 9.54
N VAL A 169 -12.30 7.41 10.02
CA VAL A 169 -12.81 8.55 10.81
C VAL A 169 -13.72 9.39 9.91
N ARG A 170 -13.29 9.65 8.66
CA ARG A 170 -14.13 10.45 7.76
C ARG A 170 -15.52 9.80 7.52
N ASP A 171 -15.55 8.48 7.32
CA ASP A 171 -16.85 7.81 7.09
C ASP A 171 -17.75 7.88 8.34
N TRP A 172 -17.14 7.69 9.51
CA TRP A 172 -17.87 7.73 10.78
C TRP A 172 -18.45 9.14 10.96
N ALA A 173 -17.63 10.15 10.68
CA ALA A 173 -18.03 11.56 10.83
C ALA A 173 -19.16 11.87 9.84
N PHE A 174 -19.04 11.35 8.62
CA PHE A 174 -20.01 11.58 7.56
C PHE A 174 -21.38 11.05 8.02
N LYS A 175 -21.38 9.87 8.65
CA LYS A 175 -22.61 9.23 9.14
C LYS A 175 -23.28 10.03 10.26
N GLN A 176 -22.49 10.81 11.02
CA GLN A 176 -23.05 11.69 12.05
C GLN A 176 -23.75 12.92 11.46
N THR A 177 -23.33 13.32 10.26
CA THR A 177 -23.69 14.63 9.73
C THR A 177 -24.57 14.55 8.47
N HIS A 178 -24.88 13.33 8.04
CA HIS A 178 -25.68 13.09 6.83
C HIS A 178 -26.70 12.00 7.04
N SER A 179 -27.72 11.99 6.18
CA SER A 179 -28.73 10.94 6.19
C SER A 179 -28.17 9.66 5.56
N ASP A 180 -28.75 8.53 5.97
CA ASP A 180 -28.38 7.21 5.46
C ASP A 180 -28.45 7.05 3.93
N ASP A 181 -29.28 7.86 3.26
CA ASP A 181 -29.36 7.79 1.80
C ASP A 181 -28.13 8.39 1.09
N GLU A 182 -27.26 9.06 1.84
CA GLU A 182 -26.01 9.60 1.30
C GLU A 182 -24.81 8.72 1.71
N ASP A 183 -23.84 8.60 0.79
CA ASP A 183 -22.59 7.88 1.06
C ASP A 183 -21.38 8.81 1.04
N LEU A 184 -20.32 8.40 1.73
CA LEU A 184 -19.07 9.17 1.72
C LEU A 184 -18.66 9.46 0.28
N PRO A 185 -18.46 10.74 -0.08
CA PRO A 185 -18.07 10.98 -1.48
C PRO A 185 -16.65 10.54 -1.84
N ALA A 186 -16.39 10.50 -3.15
CA ALA A 186 -15.07 10.26 -3.70
C ALA A 186 -13.98 11.00 -2.96
N VAL A 187 -12.89 10.27 -2.68
CA VAL A 187 -11.69 10.84 -2.11
C VAL A 187 -10.57 10.88 -3.16
N SER A 188 -9.56 11.68 -2.88
CA SER A 188 -8.43 11.85 -3.77
C SER A 188 -7.14 11.93 -3.00
N PRO A 189 -6.02 11.55 -3.63
CA PRO A 189 -4.74 11.67 -2.94
C PRO A 189 -4.46 13.08 -2.40
N TYR A 190 -3.78 13.13 -1.25
CA TYR A 190 -3.39 14.36 -0.57
C TYR A 190 -1.91 14.70 -0.79
N PRO A 191 -1.58 16.01 -0.82
CA PRO A 191 -0.18 16.39 -1.09
C PRO A 191 0.79 16.12 0.06
N ASN A 192 0.27 16.08 1.27
CA ASN A 192 1.10 15.84 2.46
C ASN A 192 0.21 15.42 3.61
N GLU A 193 0.83 14.90 4.66
CA GLU A 193 0.10 14.39 5.83
C GLU A 193 -0.74 15.47 6.49
N LYS A 194 -0.14 16.67 6.63
CA LYS A 194 -0.83 17.78 7.32
C LYS A 194 -2.18 18.05 6.68
N ALA A 195 -2.19 18.10 5.35
CA ALA A 195 -3.41 18.35 4.58
C ALA A 195 -4.49 17.30 4.87
N LEU A 196 -4.09 16.02 4.95
CA LEU A 196 -5.04 14.95 5.28
C LEU A 196 -5.57 15.09 6.68
N VAL A 197 -4.67 15.24 7.66
CA VAL A 197 -5.07 15.41 9.07
C VAL A 197 -6.04 16.60 9.22
N LYS A 198 -5.77 17.68 8.49
CA LYS A 198 -6.65 18.86 8.59
C LYS A 198 -8.09 18.50 8.13
N ASP A 199 -8.19 17.79 7.01
CA ASP A 199 -9.49 17.41 6.46
C ASP A 199 -10.24 16.48 7.42
N VAL A 200 -9.53 15.45 7.89
CA VAL A 200 -10.14 14.50 8.82
C VAL A 200 -10.63 15.23 10.08
N THR A 201 -9.80 16.15 10.57
CA THR A 201 -10.08 16.83 11.84
C THR A 201 -11.31 17.72 11.67
N LYS A 202 -11.38 18.42 10.54
CA LYS A 202 -12.56 19.25 10.26
C LYS A 202 -13.85 18.40 10.27
N ASP A 203 -13.83 17.27 9.54
CA ASP A 203 -15.00 16.37 9.51
C ASP A 203 -15.39 15.88 10.92
N TYR A 204 -14.35 15.50 11.67
CA TYR A 204 -14.47 14.97 13.02
C TYR A 204 -15.12 16.02 13.93
N LYS A 205 -14.56 17.22 13.94
CA LYS A 205 -15.08 18.33 14.75
C LYS A 205 -16.55 18.65 14.39
N GLU A 206 -16.89 18.62 13.11
CA GLU A 206 -18.29 18.83 12.69
C GLU A 206 -19.23 17.72 13.17
N ALA A 207 -18.72 16.49 13.23
CA ALA A 207 -19.50 15.40 13.81
C ALA A 207 -19.74 15.63 15.32
N LEU A 208 -18.68 15.97 16.06
CA LEU A 208 -18.84 16.21 17.49
C LEU A 208 -19.84 17.35 17.78
N ALA A 209 -19.88 18.32 16.87
CA ALA A 209 -20.81 19.46 17.01
C ALA A 209 -22.28 18.99 17.11
N THR A 210 -22.59 17.87 16.47
CA THR A 210 -23.96 17.31 16.49
C THR A 210 -24.39 16.67 17.81
N GLY A 211 -23.43 16.39 18.70
CA GLY A 211 -23.72 15.62 19.91
C GLY A 211 -23.16 14.22 19.91
N ALA A 212 -22.60 13.79 18.77
CA ALA A 212 -21.88 12.53 18.73
C ALA A 212 -20.72 12.61 19.72
N ARG A 213 -20.44 11.47 20.36
CA ARG A 213 -19.33 11.37 21.30
C ARG A 213 -18.09 11.00 20.49
N LYS A 214 -16.90 11.29 21.02
CA LYS A 214 -15.67 10.84 20.36
C LYS A 214 -15.79 9.33 20.12
N PRO A 215 -15.43 8.86 18.91
CA PRO A 215 -15.66 7.45 18.63
C PRO A 215 -14.70 6.53 19.39
N THR A 216 -15.17 5.32 19.69
CA THR A 216 -14.27 4.26 20.13
C THR A 216 -13.81 3.49 18.88
N VAL A 217 -12.55 3.08 18.89
CA VAL A 217 -11.95 2.45 17.71
C VAL A 217 -11.25 1.16 18.12
N LEU A 218 -11.62 0.06 17.47
CA LEU A 218 -10.94 -1.22 17.68
C LEU A 218 -9.98 -1.42 16.52
N ILE A 219 -8.71 -1.70 16.86
CA ILE A 219 -7.71 -2.00 15.84
C ILE A 219 -7.23 -3.41 16.09
N ILE A 220 -7.35 -4.26 15.06
CA ILE A 220 -6.75 -5.61 15.12
C ILE A 220 -5.46 -5.57 14.33
N GLY A 221 -4.36 -5.92 14.99
CA GLY A 221 -3.04 -5.74 14.42
C GLY A 221 -2.39 -4.45 14.91
N ALA A 222 -2.66 -4.06 16.16
CA ALA A 222 -2.22 -2.78 16.72
C ALA A 222 -0.70 -2.63 16.84
N LEU A 223 -0.01 -3.76 16.99
CA LEU A 223 1.43 -3.75 17.22
C LEU A 223 2.32 -3.57 15.97
N GLY A 224 1.78 -3.87 14.78
CA GLY A 224 2.53 -3.81 13.52
C GLY A 224 2.60 -2.42 12.92
N ARG A 225 3.17 -2.33 11.72
CA ARG A 225 3.32 -1.04 11.04
C ARG A 225 1.95 -0.43 10.74
N CYS A 226 1.09 -1.21 10.11
CA CYS A 226 -0.29 -0.79 9.82
C CYS A 226 -0.95 -0.26 11.10
N GLY A 227 -0.90 -1.04 12.18
CA GLY A 227 -1.49 -0.58 13.46
C GLY A 227 -0.89 0.71 14.01
N SER A 228 0.45 0.79 13.99
CA SER A 228 1.16 2.02 14.37
C SER A 228 0.67 3.24 13.54
N GLY A 229 0.51 3.05 12.24
CA GLY A 229 0.05 4.12 11.36
C GLY A 229 -1.35 4.57 11.70
N ALA A 230 -2.24 3.60 11.91
CA ALA A 230 -3.64 3.90 12.29
C ALA A 230 -3.66 4.67 13.62
N ILE A 231 -2.91 4.20 14.61
CA ILE A 231 -2.84 4.85 15.92
C ILE A 231 -2.31 6.29 15.79
N ASP A 232 -1.31 6.48 14.92
CA ASP A 232 -0.72 7.81 14.72
C ASP A 232 -1.75 8.81 14.17
N LEU A 233 -2.52 8.36 13.18
CA LEU A 233 -3.58 9.21 12.61
C LEU A 233 -4.58 9.59 13.70
N LEU A 234 -5.05 8.59 14.44
CA LEU A 234 -6.06 8.80 15.49
C LEU A 234 -5.59 9.83 16.52
N HIS A 235 -4.33 9.70 16.96
CA HIS A 235 -3.76 10.62 17.92
C HIS A 235 -3.72 12.04 17.36
N LYS A 236 -3.27 12.15 16.10
CA LYS A 236 -3.12 13.45 15.45
C LYS A 236 -4.47 14.13 15.24
N VAL A 237 -5.51 13.34 15.02
CA VAL A 237 -6.86 13.89 14.90
C VAL A 237 -7.46 14.32 16.25
N GLY A 238 -6.95 13.74 17.34
CA GLY A 238 -7.42 14.10 18.68
C GLY A 238 -8.21 13.01 19.36
N ILE A 239 -8.29 11.83 18.73
CA ILE A 239 -8.95 10.67 19.34
C ILE A 239 -8.09 10.25 20.53
N PRO A 240 -8.69 10.25 21.74
CA PRO A 240 -8.00 9.94 22.96
C PRO A 240 -7.47 8.51 22.90
N ASP A 241 -6.27 8.33 23.44
CA ASP A 241 -5.73 7.01 23.56
C ASP A 241 -6.67 6.03 24.30
N ALA A 242 -7.49 6.55 25.24
CA ALA A 242 -8.48 5.75 25.99
C ALA A 242 -9.65 5.23 25.12
N ASN A 243 -9.82 5.83 23.95
CA ASN A 243 -10.86 5.45 23.01
C ASN A 243 -10.38 4.40 22.01
N ILE A 244 -9.11 4.00 22.12
CA ILE A 244 -8.58 3.03 21.16
C ILE A 244 -8.35 1.69 21.86
N LEU A 245 -9.01 0.65 21.34
CA LEU A 245 -8.77 -0.70 21.81
C LEU A 245 -7.75 -1.35 20.88
N LYS A 246 -6.58 -1.61 21.45
CA LYS A 246 -5.42 -2.05 20.67
C LYS A 246 -5.28 -3.56 20.81
N TRP A 247 -5.81 -4.28 19.82
CA TRP A 247 -5.76 -5.74 19.79
C TRP A 247 -4.67 -6.26 18.88
N ASP A 248 -4.08 -7.38 19.29
CA ASP A 248 -3.21 -8.11 18.37
C ASP A 248 -3.41 -9.62 18.60
N ILE A 249 -2.39 -10.43 18.32
CA ILE A 249 -2.52 -11.90 18.43
C ILE A 249 -3.00 -12.35 19.81
N LYS A 250 -2.50 -11.70 20.88
CA LYS A 250 -2.95 -12.02 22.25
C LYS A 250 -4.47 -12.11 22.35
N GLU A 251 -5.16 -11.17 21.72
CA GLU A 251 -6.62 -11.12 21.78
C GLU A 251 -7.27 -12.00 20.72
N THR A 252 -6.81 -11.92 19.47
CA THR A 252 -7.50 -12.60 18.36
C THR A 252 -7.38 -14.13 18.40
N SER A 253 -6.33 -14.62 19.05
CA SER A 253 -6.09 -16.07 19.19
C SER A 253 -7.14 -16.76 20.05
N ARG A 254 -7.98 -15.99 20.75
CA ARG A 254 -9.14 -16.55 21.47
C ARG A 254 -10.14 -17.16 20.48
N GLY A 255 -10.11 -16.67 19.25
CA GLY A 255 -11.00 -17.13 18.17
C GLY A 255 -12.30 -16.33 18.14
N GLY A 256 -12.74 -15.95 16.94
CA GLY A 256 -13.94 -15.12 16.80
C GLY A 256 -15.24 -15.89 16.71
N PRO A 257 -16.37 -15.18 16.54
CA PRO A 257 -16.45 -13.72 16.38
C PRO A 257 -16.29 -12.90 17.68
N PHE A 258 -15.81 -11.66 17.55
CA PHE A 258 -15.51 -10.82 18.71
C PHE A 258 -16.59 -9.77 18.93
N ASP A 259 -17.20 -9.78 20.13
CA ASP A 259 -18.24 -8.81 20.52
C ASP A 259 -17.76 -7.35 20.45
N GLU A 260 -16.46 -7.16 20.67
CA GLU A 260 -15.81 -5.84 20.61
C GLU A 260 -15.95 -5.17 19.25
N ILE A 261 -16.16 -5.96 18.20
CA ILE A 261 -16.30 -5.39 16.86
C ILE A 261 -17.63 -4.60 16.75
N PRO A 262 -18.79 -5.28 16.91
CA PRO A 262 -20.03 -4.49 16.86
C PRO A 262 -20.15 -3.39 17.96
N GLN A 263 -19.42 -3.53 19.07
CA GLN A 263 -19.48 -2.53 20.14
C GLN A 263 -18.62 -1.27 19.90
N ALA A 264 -17.61 -1.38 19.02
CA ALA A 264 -16.80 -0.23 18.66
C ALA A 264 -17.56 0.68 17.69
N ASP A 265 -17.21 1.96 17.63
CA ASP A 265 -17.77 2.86 16.59
C ASP A 265 -17.12 2.58 15.23
N ILE A 266 -15.83 2.26 15.27
CA ILE A 266 -15.01 2.08 14.06
C ILE A 266 -14.11 0.88 14.31
N PHE A 267 -14.01 0.00 13.31
CA PHE A 267 -13.12 -1.16 13.39
C PHE A 267 -12.14 -1.11 12.25
N ILE A 268 -10.85 -1.18 12.60
CA ILE A 268 -9.78 -1.12 11.60
C ILE A 268 -9.04 -2.44 11.69
N ASN A 269 -9.02 -3.18 10.57
CA ASN A 269 -8.25 -4.43 10.48
C ASN A 269 -6.95 -4.28 9.70
N CYS A 270 -5.85 -4.70 10.35
CA CYS A 270 -4.51 -4.65 9.78
C CYS A 270 -3.93 -6.04 9.56
N ILE A 271 -4.64 -7.07 10.00
CA ILE A 271 -4.10 -8.43 9.90
C ILE A 271 -4.68 -9.16 8.69
N TYR A 272 -3.77 -9.63 7.83
CA TYR A 272 -4.15 -10.43 6.67
C TYR A 272 -4.25 -11.91 7.04
N LEU A 273 -5.44 -12.48 6.86
CA LEU A 273 -5.71 -13.89 7.21
C LEU A 273 -6.40 -14.59 6.05
N SER A 274 -5.85 -15.73 5.62
CA SER A 274 -6.37 -16.40 4.42
C SER A 274 -6.56 -17.90 4.59
N LYS A 275 -6.55 -18.39 5.83
CA LYS A 275 -6.81 -19.80 6.07
C LYS A 275 -8.21 -19.99 6.67
N PRO A 276 -8.78 -21.20 6.54
CA PRO A 276 -10.03 -21.47 7.22
C PRO A 276 -9.85 -21.20 8.70
N ILE A 277 -10.74 -20.37 9.25
CA ILE A 277 -10.74 -20.00 10.66
C ILE A 277 -12.07 -19.32 10.96
N ALA A 278 -12.46 -19.34 12.23
CA ALA A 278 -13.67 -18.65 12.67
C ALA A 278 -13.54 -17.15 12.35
N PRO A 279 -14.56 -16.56 11.70
CA PRO A 279 -14.49 -15.14 11.32
C PRO A 279 -14.37 -14.18 12.51
N PHE A 280 -13.79 -13.02 12.26
CA PHE A 280 -13.71 -11.93 13.24
C PHE A 280 -15.10 -11.41 13.61
N THR A 281 -15.97 -11.34 12.61
CA THR A 281 -17.39 -11.01 12.80
C THR A 281 -18.17 -11.59 11.63
N ASN A 282 -19.49 -11.44 11.66
CA ASN A 282 -20.35 -11.93 10.60
C ASN A 282 -21.72 -11.26 10.67
N MET A 283 -22.57 -11.55 9.70
CA MET A 283 -23.88 -10.88 9.60
C MET A 283 -24.76 -11.16 10.82
N GLU A 284 -24.68 -12.39 11.35
CA GLU A 284 -25.44 -12.76 12.56
C GLU A 284 -25.17 -11.81 13.72
N LYS A 285 -23.89 -11.54 13.96
CA LYS A 285 -23.46 -10.68 15.05
C LYS A 285 -23.72 -9.21 14.77
N LEU A 286 -23.71 -8.82 13.49
CA LEU A 286 -23.97 -7.43 13.10
C LEU A 286 -25.45 -7.06 13.05
N ASN A 287 -26.30 -8.06 12.78
CA ASN A 287 -27.75 -7.86 12.74
C ASN A 287 -28.37 -7.75 14.15
N ASN A 288 -28.08 -6.61 14.79
CA ASN A 288 -28.46 -6.34 16.18
C ASN A 288 -28.73 -4.84 16.34
N PRO A 289 -29.93 -4.47 16.86
CA PRO A 289 -30.22 -3.03 17.06
C PRO A 289 -29.29 -2.29 18.03
N ASN A 290 -28.59 -3.04 18.89
CA ASN A 290 -27.63 -2.48 19.85
C ASN A 290 -26.20 -2.27 19.35
N ARG A 291 -25.96 -2.68 18.11
CA ARG A 291 -24.66 -2.47 17.49
C ARG A 291 -24.35 -0.98 17.39
N ARG A 292 -23.12 -0.61 17.75
CA ARG A 292 -22.66 0.77 17.66
C ARG A 292 -21.81 0.98 16.42
N LEU A 293 -21.22 -0.12 15.93
CA LEU A 293 -20.31 -0.07 14.77
C LEU A 293 -20.92 0.60 13.56
N ARG A 294 -20.19 1.58 13.03
CA ARG A 294 -20.59 2.35 11.87
C ARG A 294 -19.69 2.08 10.64
N THR A 295 -18.41 1.80 10.89
CA THR A 295 -17.42 1.80 9.82
C THR A 295 -16.38 0.72 10.08
N VAL A 296 -16.15 -0.10 9.05
CA VAL A 296 -15.09 -1.12 9.07
C VAL A 296 -14.10 -0.77 7.98
N VAL A 297 -12.83 -0.63 8.35
CA VAL A 297 -11.79 -0.37 7.37
C VAL A 297 -10.92 -1.63 7.35
N ASP A 298 -11.07 -2.40 6.28
CA ASP A 298 -10.27 -3.61 6.15
C ASP A 298 -9.02 -3.26 5.36
N VAL A 299 -7.97 -2.88 6.08
CA VAL A 299 -6.70 -2.47 5.41
C VAL A 299 -6.08 -3.66 4.67
N SER A 300 -6.33 -4.86 5.20
CA SER A 300 -5.84 -6.08 4.57
C SER A 300 -6.70 -6.61 3.40
N ALA A 301 -7.67 -5.82 2.93
CA ALA A 301 -8.60 -6.24 1.88
C ALA A 301 -7.85 -6.78 0.66
N ASP A 302 -8.22 -7.97 0.24
CA ASP A 302 -7.61 -8.60 -0.91
C ASP A 302 -8.70 -9.37 -1.61
N THR A 303 -9.01 -8.95 -2.83
CA THR A 303 -10.11 -9.58 -3.56
C THR A 303 -9.84 -11.06 -3.91
N THR A 304 -8.55 -11.45 -3.98
CA THR A 304 -8.19 -12.84 -4.26
C THR A 304 -8.23 -13.77 -3.02
N ASN A 305 -8.33 -13.19 -1.81
CA ASN A 305 -8.36 -13.99 -0.57
C ASN A 305 -9.50 -15.00 -0.57
N PRO A 306 -9.16 -16.32 -0.58
CA PRO A 306 -10.22 -17.34 -0.57
C PRO A 306 -10.97 -17.43 0.75
N HIS A 307 -10.38 -16.94 1.84
CA HIS A 307 -11.00 -17.01 3.16
C HIS A 307 -10.95 -15.68 3.91
N ASN A 308 -11.89 -14.78 3.58
CA ASN A 308 -11.98 -13.48 4.25
C ASN A 308 -12.48 -13.59 5.72
N PRO A 309 -11.66 -13.16 6.71
CA PRO A 309 -12.07 -13.24 8.13
C PRO A 309 -13.09 -12.18 8.55
N ILE A 310 -13.43 -11.29 7.62
CA ILE A 310 -14.49 -10.30 7.84
C ILE A 310 -15.49 -10.43 6.69
N PRO A 311 -16.27 -11.55 6.68
CA PRO A 311 -17.10 -11.94 5.54
C PRO A 311 -18.42 -11.18 5.50
N ILE A 312 -18.32 -9.87 5.29
CA ILE A 312 -19.48 -8.99 5.28
C ILE A 312 -19.49 -8.09 4.03
N TYR A 313 -18.58 -8.38 3.12
CA TYR A 313 -18.47 -7.62 1.87
C TYR A 313 -17.83 -8.46 0.79
N THR A 314 -18.15 -8.15 -0.45
CA THR A 314 -17.52 -8.82 -1.58
C THR A 314 -16.87 -7.83 -2.54
N VAL A 315 -17.23 -6.55 -2.43
CA VAL A 315 -16.67 -5.49 -3.27
C VAL A 315 -15.37 -4.91 -2.69
N ALA A 316 -14.39 -4.73 -3.58
CA ALA A 316 -13.19 -3.96 -3.27
C ALA A 316 -13.49 -2.50 -3.63
N THR A 317 -13.64 -1.66 -2.62
CA THR A 317 -13.97 -0.26 -2.90
C THR A 317 -12.73 0.48 -3.40
N VAL A 318 -12.95 1.69 -3.91
CA VAL A 318 -11.92 2.46 -4.62
C VAL A 318 -12.08 3.96 -4.27
N PHE A 319 -11.11 4.79 -4.64
CA PHE A 319 -11.16 6.21 -4.26
C PHE A 319 -12.44 6.89 -4.75
N ASN A 320 -12.88 6.56 -5.97
CA ASN A 320 -14.08 7.20 -6.55
C ASN A 320 -15.39 6.79 -5.87
N LYS A 321 -15.33 5.69 -5.10
CA LYS A 321 -16.51 5.08 -4.46
C LYS A 321 -15.96 4.32 -3.24
N PRO A 322 -15.57 5.05 -2.19
CA PRO A 322 -14.73 4.46 -1.14
C PRO A 322 -15.40 3.53 -0.17
N THR A 323 -16.73 3.58 -0.07
CA THR A 323 -17.45 2.71 0.90
C THR A 323 -18.47 1.81 0.21
N VAL A 324 -18.76 0.67 0.83
CA VAL A 324 -19.85 -0.20 0.37
C VAL A 324 -20.74 -0.55 1.56
N LEU A 325 -22.05 -0.58 1.35
CA LEU A 325 -23.00 -0.89 2.41
C LEU A 325 -22.85 -2.34 2.86
N VAL A 326 -22.81 -2.54 4.16
CA VAL A 326 -23.03 -3.86 4.73
C VAL A 326 -24.55 -4.01 4.93
N PRO A 327 -25.16 -5.01 4.25
CA PRO A 327 -26.64 -5.08 4.20
C PRO A 327 -27.23 -5.70 5.47
N THR A 328 -27.10 -4.96 6.57
CA THR A 328 -27.63 -5.36 7.88
C THR A 328 -29.17 -5.29 7.93
N THR A 329 -29.76 -6.13 8.77
CA THR A 329 -31.20 -6.13 8.99
C THR A 329 -31.62 -5.45 10.30
N ALA A 330 -30.63 -5.11 11.13
CA ALA A 330 -30.84 -4.36 12.36
C ALA A 330 -29.60 -3.55 12.71
N GLY A 331 -29.81 -2.48 13.48
CA GLY A 331 -28.73 -1.59 13.88
C GLY A 331 -28.50 -0.47 12.84
N PRO A 332 -27.62 0.50 13.17
CA PRO A 332 -27.45 1.68 12.30
C PRO A 332 -26.68 1.37 11.03
N LYS A 333 -26.75 2.26 10.05
CA LYS A 333 -26.07 2.03 8.77
C LYS A 333 -24.58 1.72 9.02
N LEU A 334 -24.12 0.66 8.36
CA LEU A 334 -22.76 0.14 8.47
C LEU A 334 -22.14 0.05 7.07
N SER A 335 -20.91 0.53 6.93
CA SER A 335 -20.20 0.45 5.64
C SER A 335 -18.81 -0.09 5.85
N VAL A 336 -18.31 -0.67 4.76
CA VAL A 336 -16.93 -1.16 4.69
C VAL A 336 -16.11 -0.28 3.75
N ILE A 337 -14.86 -0.08 4.12
CA ILE A 337 -13.84 0.45 3.22
C ILE A 337 -12.87 -0.70 3.00
N SER A 338 -12.72 -1.06 1.73
CA SER A 338 -11.92 -2.24 1.33
C SER A 338 -10.96 -1.88 0.20
N ILE A 339 -10.41 -0.68 0.29
CA ILE A 339 -9.45 -0.20 -0.69
C ILE A 339 -8.11 -0.90 -0.48
N ASP A 340 -7.60 -1.52 -1.55
CA ASP A 340 -6.31 -2.25 -1.47
C ASP A 340 -5.06 -1.42 -1.80
N HIS A 341 -5.27 -0.12 -1.95
CA HIS A 341 -4.22 0.81 -2.31
C HIS A 341 -4.25 2.07 -1.43
N LEU A 342 -4.52 1.88 -0.13
CA LEU A 342 -4.58 3.00 0.80
C LEU A 342 -3.34 3.90 0.82
N PRO A 343 -2.12 3.34 0.74
CA PRO A 343 -0.94 4.25 0.73
C PRO A 343 -0.97 5.33 -0.35
N SER A 344 -1.68 5.05 -1.43
CA SER A 344 -1.85 6.01 -2.54
C SER A 344 -2.66 7.25 -2.14
N LEU A 345 -3.26 7.24 -0.95
CA LEU A 345 -3.92 8.45 -0.42
C LEU A 345 -2.90 9.51 0.04
N LEU A 346 -1.69 9.06 0.35
CA LEU A 346 -0.63 9.94 0.82
C LEU A 346 0.65 9.55 0.07
N PRO A 347 0.66 9.79 -1.25
CA PRO A 347 1.76 9.24 -2.06
C PRO A 347 3.13 9.81 -1.67
N ARG A 348 3.22 11.05 -1.15
CA ARG A 348 4.53 11.64 -0.81
C ARG A 348 5.18 10.91 0.37
N GLU A 349 4.50 10.92 1.52
CA GLU A 349 4.96 10.26 2.73
C GLU A 349 5.11 8.75 2.53
N ALA A 350 4.16 8.13 1.82
CA ALA A 350 4.28 6.69 1.51
C ALA A 350 5.59 6.42 0.76
N SER A 351 5.91 7.28 -0.20
CA SER A 351 7.14 7.12 -0.95
C SER A 351 8.37 7.39 -0.04
N GLU A 352 8.31 8.44 0.78
CA GLU A 352 9.46 8.79 1.60
C GLU A 352 9.79 7.61 2.54
N PHE A 353 8.76 7.08 3.19
CA PHE A 353 9.00 5.95 4.13
C PHE A 353 9.51 4.71 3.41
N PHE A 354 8.88 4.37 2.29
CA PHE A 354 9.27 3.22 1.52
C PHE A 354 10.72 3.36 1.05
N SER A 355 11.04 4.50 0.45
CA SER A 355 12.38 4.69 -0.10
C SER A 355 13.49 4.70 0.98
N HIS A 356 13.20 5.31 2.15
CA HIS A 356 14.12 5.31 3.29
C HIS A 356 14.39 3.87 3.75
N ASP A 357 13.32 3.07 3.85
CA ASP A 357 13.41 1.64 4.22
C ASP A 357 14.25 0.83 3.19
N LEU A 358 14.13 1.20 1.92
CA LEU A 358 14.86 0.52 0.83
C LEU A 358 16.33 0.95 0.70
N LEU A 359 16.66 2.12 1.24
CA LEU A 359 17.96 2.74 1.00
C LEU A 359 19.17 1.85 1.40
N PRO A 360 19.14 1.22 2.59
CA PRO A 360 20.30 0.37 2.93
C PRO A 360 20.57 -0.71 1.89
N SER A 361 19.51 -1.31 1.36
CA SER A 361 19.63 -2.33 0.32
C SER A 361 20.17 -1.73 -0.98
N LEU A 362 19.64 -0.57 -1.35
CA LEU A 362 20.16 0.13 -2.52
C LEU A 362 21.66 0.41 -2.43
N GLU A 363 22.13 0.73 -1.23
CA GLU A 363 23.57 0.97 -0.98
C GLU A 363 24.42 -0.27 -1.22
N LEU A 364 23.78 -1.44 -1.28
CA LEU A 364 24.47 -2.71 -1.54
C LEU A 364 24.52 -3.05 -3.05
N LEU A 365 23.94 -2.18 -3.89
CA LEU A 365 23.85 -2.52 -5.31
C LEU A 365 25.23 -2.70 -6.01
N PRO A 366 26.23 -1.87 -5.66
CA PRO A 366 27.58 -2.16 -6.19
C PRO A 366 28.02 -3.61 -5.94
N GLN A 367 27.49 -4.21 -4.88
CA GLN A 367 27.86 -5.55 -4.43
C GLN A 367 26.78 -6.60 -4.76
N ARG A 368 25.87 -6.25 -5.68
CA ARG A 368 24.68 -7.08 -5.94
C ARG A 368 24.95 -8.50 -6.42
N LYS A 369 26.10 -8.73 -7.06
CA LYS A 369 26.44 -10.08 -7.50
C LYS A 369 26.68 -11.05 -6.33
N THR A 370 26.98 -10.48 -5.16
CA THR A 370 27.33 -11.27 -3.98
C THR A 370 26.43 -11.04 -2.74
N ALA A 371 25.89 -9.82 -2.59
CA ALA A 371 25.10 -9.44 -1.41
C ALA A 371 23.81 -10.26 -1.32
N PRO A 372 23.63 -11.07 -0.26
CA PRO A 372 22.43 -11.89 -0.19
C PRO A 372 21.10 -11.19 -0.46
N VAL A 373 20.89 -9.96 0.00
CA VAL A 373 19.58 -9.33 -0.30
C VAL A 373 19.28 -9.37 -1.82
N TRP A 374 20.31 -9.06 -2.63
CA TRP A 374 20.14 -9.05 -4.10
C TRP A 374 20.25 -10.43 -4.76
N VAL A 375 21.19 -11.23 -4.25
CA VAL A 375 21.38 -12.58 -4.75
C VAL A 375 20.11 -13.45 -4.55
N ARG A 376 19.50 -13.35 -3.36
CA ARG A 376 18.21 -14.01 -3.11
C ARG A 376 17.18 -13.61 -4.16
N ALA A 377 17.11 -12.31 -4.46
CA ALA A 377 16.09 -11.84 -5.40
C ALA A 377 16.41 -12.31 -6.83
N LYS A 378 17.70 -12.35 -7.16
CA LYS A 378 18.13 -12.86 -8.46
C LYS A 378 17.78 -14.34 -8.62
N LYS A 379 18.06 -15.11 -7.57
CA LYS A 379 17.83 -16.55 -7.63
C LYS A 379 16.34 -16.89 -7.71
N LEU A 380 15.54 -16.07 -7.04
CA LEU A 380 14.09 -16.18 -7.09
C LEU A 380 13.60 -15.92 -8.52
N PHE A 381 14.11 -14.84 -9.13
CA PHE A 381 13.87 -14.56 -10.54
C PHE A 381 14.22 -15.77 -11.43
N ASP A 382 15.42 -16.31 -11.24
CA ASP A 382 15.91 -17.48 -12.01
C ASP A 382 14.95 -18.65 -11.86
N ARG A 383 14.52 -18.89 -10.63
CA ARG A 383 13.65 -20.01 -10.31
C ARG A 383 12.30 -19.89 -11.01
N HIS A 384 11.69 -18.70 -10.92
CA HIS A 384 10.44 -18.47 -11.64
C HIS A 384 10.58 -18.48 -13.16
N CYS A 385 11.69 -17.96 -13.68
CA CYS A 385 11.98 -18.05 -15.12
C CYS A 385 12.06 -19.52 -15.60
N ALA A 386 12.63 -20.37 -14.76
CA ALA A 386 12.78 -21.80 -15.05
C ALA A 386 11.42 -22.49 -15.15
N ARG A 387 10.42 -21.91 -14.49
CA ARG A 387 9.06 -22.42 -14.59
C ARG A 387 8.45 -22.16 -15.97
N VAL A 388 9.01 -21.18 -16.70
CA VAL A 388 8.51 -20.79 -18.03
C VAL A 388 9.15 -21.65 -19.12
N LYS A 389 8.31 -22.47 -19.74
CA LYS A 389 8.73 -23.33 -20.84
C LYS A 389 8.07 -22.76 -22.08
N ARG A 390 8.88 -22.35 -23.06
CA ARG A 390 8.35 -21.78 -24.30
C ARG A 390 9.17 -22.21 -25.48
N SER A 391 8.49 -22.47 -26.60
CA SER A 391 9.17 -22.84 -27.85
C SER A 391 10.16 -21.73 -28.29
N SER A 392 9.84 -20.48 -27.97
CA SER A 392 10.70 -19.36 -28.34
C SER A 392 12.08 -19.42 -27.65
N ARG A 393 12.18 -20.20 -26.57
CA ARG A 393 13.45 -20.37 -25.85
C ARG A 393 14.35 -21.51 -26.35
N LEU A 394 13.88 -22.29 -27.33
CA LEU A 394 14.63 -23.46 -27.81
C LEU A 394 15.91 -23.08 -28.54
#